data_2RSP
#
_entry.id   2RSP
#
_cell.length_a   88.950
_cell.length_b   88.950
_cell.length_c   78.900
_cell.angle_alpha   90.00
_cell.angle_beta   90.00
_cell.angle_gamma   120.00
#
_symmetry.space_group_name_H-M   'P 31 2 1'
#
loop_
_entity.id
_entity.type
_entity.pdbx_description
1 polymer 'RSV PROTEASE'
2 water water
#
_entity_poly.entity_id   1
_entity_poly.type   'polypeptide(L)'
_entity_poly.pdbx_seq_one_letter_code
;LAMTMEHKDRPLVRVILTNTGSHPVKQRSVYITALLDSGADITIISEEDWPTDWPVMEAANPQIHGIGGGIPMRKSRDMI
ELGVINRDGSLERPLLLFPAVAMVRGSILGRDCLQGLGLRLTNL
;
_entity_poly.pdbx_strand_id   A,B
#
# COMPACT_ATOMS: atom_id res chain seq x y z
N LEU A 1 5.65 10.28 -13.37
CA LEU A 1 4.42 9.78 -12.64
C LEU A 1 4.06 10.64 -11.44
N ALA A 2 2.82 11.18 -11.34
CA ALA A 2 2.49 11.95 -10.13
C ALA A 2 1.06 11.50 -9.91
N MET A 3 0.66 10.99 -8.77
CA MET A 3 -0.71 10.52 -8.50
C MET A 3 -1.08 10.94 -7.07
N THR A 4 -2.19 11.66 -7.01
CA THR A 4 -2.80 12.12 -5.75
C THR A 4 -3.46 10.97 -5.01
N MET A 5 -3.33 10.89 -3.67
CA MET A 5 -3.94 9.77 -2.94
C MET A 5 -5.42 10.22 -2.71
N GLU A 6 -6.31 9.36 -3.13
CA GLU A 6 -7.74 9.71 -2.89
C GLU A 6 -8.38 8.52 -2.21
N HIS A 7 -9.23 8.71 -1.28
CA HIS A 7 -9.86 7.60 -0.61
C HIS A 7 -10.71 6.73 -1.53
N LYS A 8 -11.50 7.30 -2.37
CA LYS A 8 -12.46 6.55 -3.21
C LYS A 8 -11.99 5.83 -4.44
N ASP A 9 -10.90 6.36 -4.95
CA ASP A 9 -10.24 5.84 -6.15
C ASP A 9 -8.87 5.21 -5.84
N ARG A 10 -8.76 3.99 -6.26
CA ARG A 10 -7.44 3.33 -6.06
C ARG A 10 -6.44 3.98 -7.00
N PRO A 11 -5.18 4.11 -6.59
CA PRO A 11 -4.14 4.69 -7.47
C PRO A 11 -3.73 3.64 -8.51
N LEU A 12 -4.41 3.36 -9.60
CA LEU A 12 -4.13 2.39 -10.62
C LEU A 12 -3.38 3.00 -11.83
N VAL A 13 -2.47 2.13 -12.37
CA VAL A 13 -1.75 2.63 -13.57
C VAL A 13 -1.80 1.47 -14.59
N ARG A 14 -1.60 1.80 -15.85
CA ARG A 14 -1.61 0.71 -16.83
C ARG A 14 -0.13 0.27 -16.90
N VAL A 15 0.17 -0.94 -17.09
CA VAL A 15 1.52 -1.46 -17.17
C VAL A 15 1.69 -2.38 -18.36
N ILE A 16 2.78 -2.35 -19.05
CA ILE A 16 2.92 -3.40 -20.06
C ILE A 16 3.93 -4.37 -19.53
N LEU A 17 3.70 -5.67 -19.65
CA LEU A 17 4.64 -6.70 -19.15
C LEU A 17 5.27 -7.36 -20.39
N THR A 18 6.56 -7.61 -20.47
CA THR A 18 7.07 -8.30 -21.67
C THR A 18 7.92 -9.47 -21.19
N ASN A 19 7.62 -10.67 -21.68
CA ASN A 19 8.43 -11.84 -21.23
C ASN A 19 9.75 -11.79 -22.12
N THR A 20 10.90 -11.66 -21.49
CA THR A 20 12.15 -11.50 -22.32
C THR A 20 12.84 -12.83 -22.51
N GLY A 21 12.18 -13.85 -21.97
CA GLY A 21 12.39 -15.23 -21.81
C GLY A 21 13.01 -16.03 -22.92
N SER A 22 13.85 -16.96 -22.39
CA SER A 22 14.52 -17.83 -23.39
C SER A 22 13.64 -18.89 -24.05
N HIS A 23 12.34 -19.05 -23.94
CA HIS A 23 11.43 -20.00 -24.63
C HIS A 23 10.18 -19.28 -25.13
N PRO A 24 9.43 -19.93 -26.00
CA PRO A 24 8.22 -19.31 -26.61
C PRO A 24 7.00 -19.39 -25.71
N VAL A 25 6.17 -18.38 -25.96
CA VAL A 25 4.92 -17.97 -25.34
C VAL A 25 4.00 -17.34 -26.38
N LYS A 26 2.68 -17.53 -26.15
CA LYS A 26 1.69 -17.02 -27.09
C LYS A 26 1.71 -15.55 -27.28
N GLN A 27 1.93 -14.93 -26.12
CA GLN A 27 1.91 -13.45 -26.08
C GLN A 27 3.18 -13.02 -25.37
N ARG A 28 3.92 -12.18 -26.05
CA ARG A 28 5.22 -11.75 -25.46
C ARG A 28 5.02 -10.59 -24.50
N SER A 29 4.11 -9.70 -24.80
CA SER A 29 3.65 -8.52 -24.13
C SER A 29 2.14 -8.51 -23.78
N VAL A 30 1.79 -8.08 -22.59
CA VAL A 30 0.40 -7.97 -22.13
C VAL A 30 0.30 -6.66 -21.39
N TYR A 31 -0.91 -6.07 -21.43
CA TYR A 31 -1.29 -4.84 -20.73
C TYR A 31 -2.13 -5.27 -19.52
N ILE A 32 -1.83 -4.75 -18.37
CA ILE A 32 -2.49 -5.12 -17.13
C ILE A 32 -2.72 -3.79 -16.48
N THR A 33 -3.40 -3.85 -15.33
CA THR A 33 -3.63 -2.63 -14.56
C THR A 33 -3.04 -3.06 -13.20
N ALA A 34 -2.37 -2.13 -12.53
CA ALA A 34 -1.86 -2.50 -11.19
C ALA A 34 -1.96 -1.33 -10.23
N LEU A 35 -1.97 -1.67 -8.94
CA LEU A 35 -2.10 -0.67 -7.87
C LEU A 35 -0.77 -0.13 -7.36
N LEU A 36 -0.49 1.12 -7.11
CA LEU A 36 0.78 1.64 -6.57
C LEU A 36 0.64 1.35 -5.07
N ASP A 37 1.33 0.41 -4.47
CA ASP A 37 1.19 0.05 -3.08
C ASP A 37 2.41 0.28 -2.23
N SER A 38 2.47 1.33 -1.44
CA SER A 38 3.59 1.72 -0.63
C SER A 38 3.65 0.70 0.50
N GLY A 39 2.55 -0.04 0.73
CA GLY A 39 2.57 -0.99 1.81
C GLY A 39 3.04 -2.35 1.36
N ALA A 40 3.33 -2.64 0.13
CA ALA A 40 3.77 -4.03 -0.22
C ALA A 40 5.29 -3.96 -0.40
N ASP A 41 6.08 -4.89 0.15
CA ASP A 41 7.56 -4.85 -0.07
C ASP A 41 7.89 -5.27 -1.52
N ILE A 42 7.11 -6.15 -2.16
CA ILE A 42 7.37 -6.69 -3.47
C ILE A 42 6.18 -6.64 -4.44
N THR A 43 6.48 -6.68 -5.74
CA THR A 43 5.51 -6.58 -6.80
C THR A 43 4.84 -7.93 -7.05
N ILE A 44 3.54 -7.95 -7.18
CA ILE A 44 2.96 -9.29 -7.38
C ILE A 44 1.96 -9.19 -8.54
N ILE A 45 1.98 -10.04 -9.51
CA ILE A 45 1.00 -9.99 -10.58
C ILE A 45 -0.12 -10.98 -10.16
N SER A 46 -1.43 -10.65 -10.30
CA SER A 46 -2.47 -11.57 -9.88
C SER A 46 -2.51 -12.82 -10.71
N GLU A 47 -2.98 -13.93 -10.18
CA GLU A 47 -3.07 -15.07 -11.15
C GLU A 47 -3.98 -14.86 -12.29
N GLU A 48 -5.00 -14.06 -12.11
CA GLU A 48 -5.94 -13.71 -13.17
C GLU A 48 -5.21 -12.96 -14.28
N ASP A 49 -4.35 -12.03 -13.96
CA ASP A 49 -3.60 -11.22 -14.94
C ASP A 49 -2.38 -11.90 -15.59
N TRP A 50 -1.73 -12.90 -15.10
CA TRP A 50 -0.57 -13.65 -15.49
C TRP A 50 -0.84 -14.54 -16.69
N PRO A 51 -0.13 -14.32 -17.80
CA PRO A 51 -0.35 -15.19 -19.00
C PRO A 51 -0.16 -16.64 -18.60
N THR A 52 -1.15 -17.45 -18.99
CA THR A 52 -1.18 -18.89 -18.62
C THR A 52 0.09 -19.67 -18.98
N ASP A 53 0.69 -19.39 -20.11
CA ASP A 53 1.94 -20.09 -20.45
C ASP A 53 3.21 -19.33 -20.02
N TRP A 54 3.13 -18.29 -19.23
CA TRP A 54 4.42 -17.75 -18.82
C TRP A 54 4.75 -18.63 -17.60
N PRO A 55 5.90 -19.34 -17.63
CA PRO A 55 6.33 -20.23 -16.54
C PRO A 55 6.56 -19.60 -15.21
N VAL A 56 6.32 -20.30 -14.15
CA VAL A 56 6.52 -19.79 -12.78
C VAL A 56 7.29 -20.92 -12.11
N MET A 57 7.78 -20.68 -10.97
CA MET A 57 8.56 -21.66 -10.23
C MET A 57 8.23 -21.31 -8.80
N GLU A 58 8.38 -22.28 -7.96
CA GLU A 58 8.11 -22.13 -6.49
C GLU A 58 9.28 -21.30 -6.01
N ALA A 59 9.13 -20.66 -4.87
CA ALA A 59 10.26 -19.78 -4.41
C ALA A 59 10.59 -20.15 -2.97
N ALA A 60 11.75 -19.76 -2.46
CA ALA A 60 11.99 -20.16 -1.04
C ALA A 60 12.54 -19.02 -0.20
N GLY A 70 -0.07 -13.21 4.51
CA GLY A 70 0.40 -14.59 4.37
C GLY A 70 -0.28 -15.46 3.30
N ILE A 71 0.11 -15.23 2.05
CA ILE A 71 -0.46 -15.98 0.90
C ILE A 71 0.60 -16.75 0.18
N PRO A 72 0.32 -17.94 -0.34
CA PRO A 72 1.28 -18.72 -1.10
C PRO A 72 1.68 -18.03 -2.42
N MET A 73 2.95 -17.92 -2.76
CA MET A 73 3.23 -17.29 -4.10
C MET A 73 4.32 -18.04 -4.87
N ARG A 74 4.24 -17.86 -6.17
CA ARG A 74 5.26 -18.43 -7.07
C ARG A 74 6.03 -17.18 -7.50
N LYS A 75 7.04 -17.41 -8.22
CA LYS A 75 7.95 -16.47 -8.85
C LYS A 75 7.95 -16.71 -10.35
N SER A 76 8.03 -15.68 -11.15
CA SER A 76 8.13 -15.78 -12.58
C SER A 76 9.47 -16.53 -12.84
N ARG A 77 9.48 -17.42 -13.79
CA ARG A 77 10.72 -18.14 -14.18
C ARG A 77 11.56 -17.18 -15.02
N ASP A 78 10.95 -16.53 -15.99
CA ASP A 78 11.56 -15.57 -16.93
C ASP A 78 11.70 -14.15 -16.39
N MET A 79 12.66 -13.37 -16.92
CA MET A 79 12.84 -12.01 -16.37
C MET A 79 11.75 -11.17 -17.03
N ILE A 80 11.08 -10.27 -16.32
CA ILE A 80 10.02 -9.61 -17.16
C ILE A 80 10.40 -8.15 -17.35
N GLU A 81 10.07 -7.56 -18.47
CA GLU A 81 10.35 -6.14 -18.54
C GLU A 81 9.01 -5.49 -18.15
N LEU A 82 9.01 -4.49 -17.32
CA LEU A 82 7.83 -3.79 -16.86
C LEU A 82 7.86 -2.31 -17.23
N GLY A 83 6.89 -1.86 -18.01
CA GLY A 83 6.78 -0.47 -18.40
C GLY A 83 5.51 0.16 -17.81
N VAL A 84 5.58 1.17 -17.00
CA VAL A 84 4.47 1.85 -16.36
C VAL A 84 4.08 2.97 -17.34
N ILE A 85 2.80 2.94 -17.68
CA ILE A 85 2.19 3.91 -18.56
C ILE A 85 1.51 5.00 -17.77
N ASN A 86 1.75 6.26 -17.95
CA ASN A 86 1.09 7.40 -17.29
C ASN A 86 -0.30 7.62 -17.90
N ARG A 87 -1.17 8.31 -17.23
CA ARG A 87 -2.54 8.65 -17.68
C ARG A 87 -2.52 9.27 -19.09
N ASP A 88 -1.53 10.09 -19.47
CA ASP A 88 -1.50 10.59 -20.85
C ASP A 88 -0.84 9.72 -21.92
N GLY A 89 -0.47 8.52 -21.63
CA GLY A 89 0.17 7.55 -22.50
C GLY A 89 1.67 7.57 -22.53
N SER A 90 2.25 8.45 -21.79
CA SER A 90 3.77 8.56 -21.74
C SER A 90 4.33 7.44 -20.87
N LEU A 91 5.52 6.94 -21.21
CA LEU A 91 6.12 5.84 -20.53
C LEU A 91 7.25 6.21 -19.56
N GLU A 92 7.23 5.54 -18.43
CA GLU A 92 8.29 5.65 -17.49
C GLU A 92 9.37 4.74 -18.06
N ARG A 93 10.59 4.86 -17.64
CA ARG A 93 11.77 4.05 -18.00
C ARG A 93 11.43 2.61 -17.50
N PRO A 94 11.69 1.63 -18.31
CA PRO A 94 11.36 0.24 -17.97
C PRO A 94 12.29 -0.27 -16.87
N LEU A 95 11.74 -1.29 -16.22
CA LEU A 95 12.39 -2.00 -15.08
C LEU A 95 12.44 -3.46 -15.50
N LEU A 96 13.36 -4.25 -15.03
CA LEU A 96 13.58 -5.66 -15.23
C LEU A 96 13.46 -6.32 -13.86
N LEU A 97 12.61 -7.33 -13.78
CA LEU A 97 12.43 -8.04 -12.50
C LEU A 97 11.86 -9.44 -12.78
N PHE A 98 11.77 -10.18 -11.68
CA PHE A 98 11.16 -11.53 -11.69
C PHE A 98 9.98 -11.33 -10.69
N PRO A 99 8.78 -10.99 -11.20
CA PRO A 99 7.71 -10.74 -10.20
C PRO A 99 7.15 -11.91 -9.43
N ALA A 100 6.49 -11.73 -8.30
CA ALA A 100 5.80 -12.84 -7.56
C ALA A 100 4.43 -12.96 -8.26
N VAL A 101 3.82 -14.11 -8.36
CA VAL A 101 2.51 -14.42 -8.91
C VAL A 101 1.68 -15.03 -7.72
N ALA A 102 0.46 -14.52 -7.47
CA ALA A 102 -0.27 -15.07 -6.34
C ALA A 102 -1.78 -14.73 -6.56
N MET A 103 -2.59 -15.41 -5.80
CA MET A 103 -4.06 -15.17 -5.86
C MET A 103 -4.36 -13.91 -5.06
N VAL A 104 -4.28 -12.72 -5.60
CA VAL A 104 -4.51 -11.49 -4.86
C VAL A 104 -5.59 -10.79 -5.75
N ARG A 105 -6.15 -9.79 -5.14
CA ARG A 105 -7.20 -8.91 -5.64
C ARG A 105 -6.61 -7.93 -6.60
N GLY A 106 -6.03 -8.23 -7.70
CA GLY A 106 -5.47 -7.17 -8.60
C GLY A 106 -3.92 -7.17 -8.45
N SER A 107 -3.24 -6.79 -9.50
CA SER A 107 -1.78 -6.80 -9.48
C SER A 107 -1.39 -5.58 -8.66
N ILE A 108 -0.22 -5.71 -8.05
CA ILE A 108 0.33 -4.65 -7.17
C ILE A 108 1.82 -4.38 -7.56
N LEU A 109 2.15 -3.12 -7.63
CA LEU A 109 3.56 -2.69 -7.78
C LEU A 109 3.94 -2.31 -6.35
N GLY A 110 4.77 -3.05 -5.70
CA GLY A 110 5.36 -2.95 -4.45
C GLY A 110 6.52 -1.96 -4.41
N ARG A 111 7.11 -1.79 -3.23
CA ARG A 111 8.21 -0.77 -3.14
C ARG A 111 9.43 -1.14 -3.90
N ASP A 112 9.60 -2.36 -4.36
CA ASP A 112 10.78 -2.70 -5.17
C ASP A 112 10.63 -1.90 -6.46
N CYS A 113 9.45 -1.84 -7.10
CA CYS A 113 9.28 -1.05 -8.32
C CYS A 113 9.01 0.41 -7.98
N LEU A 114 8.43 0.88 -6.90
CA LEU A 114 8.22 2.28 -6.56
C LEU A 114 9.63 2.89 -6.44
N GLN A 115 10.59 2.26 -5.85
CA GLN A 115 11.99 2.67 -5.70
C GLN A 115 12.63 2.69 -7.07
N GLY A 116 12.46 1.71 -7.98
CA GLY A 116 12.99 1.74 -9.30
C GLY A 116 12.39 2.96 -9.96
N LEU A 117 11.17 3.51 -9.77
CA LEU A 117 10.70 4.65 -10.53
C LEU A 117 11.16 5.92 -9.86
N GLY A 118 11.73 5.82 -8.65
CA GLY A 118 12.14 7.06 -7.95
C GLY A 118 11.04 7.77 -7.22
N LEU A 119 10.01 6.96 -6.85
CA LEU A 119 8.85 7.72 -6.19
C LEU A 119 9.12 8.13 -4.78
N ARG A 120 8.47 9.16 -4.29
CA ARG A 120 8.49 9.68 -2.94
C ARG A 120 6.99 9.89 -2.65
N LEU A 121 6.65 9.73 -1.39
CA LEU A 121 5.30 9.98 -0.84
C LEU A 121 5.41 11.38 -0.21
N THR A 122 4.59 12.38 -0.55
CA THR A 122 4.80 13.70 0.00
C THR A 122 3.62 14.62 -0.04
N ASN A 123 3.54 15.57 0.83
CA ASN A 123 2.47 16.56 0.72
C ASN A 123 3.22 17.90 0.59
N LEU A 124 4.46 17.96 0.16
CA LEU A 124 5.11 19.32 0.13
C LEU A 124 5.03 19.94 -1.26
N LEU B 1 5.10 16.06 5.32
CA LEU B 1 5.68 14.72 5.34
C LEU B 1 6.19 14.47 3.89
N ALA B 2 7.36 13.88 3.82
CA ALA B 2 7.95 13.50 2.54
C ALA B 2 8.71 12.22 2.85
N MET B 3 8.46 11.12 2.22
CA MET B 3 9.27 9.93 2.49
C MET B 3 9.60 9.30 1.15
N THR B 4 10.81 8.91 0.92
CA THR B 4 11.20 8.25 -0.33
C THR B 4 10.73 6.83 -0.19
N MET B 5 10.33 6.15 -1.26
CA MET B 5 9.90 4.79 -1.22
C MET B 5 11.17 3.96 -1.43
N GLU B 6 11.47 3.02 -0.58
CA GLU B 6 12.63 2.13 -0.68
C GLU B 6 12.18 0.72 -0.45
N HIS B 7 12.60 -0.26 -1.20
CA HIS B 7 12.16 -1.62 -0.88
C HIS B 7 12.45 -2.09 0.54
N LYS B 8 13.59 -1.70 1.09
CA LYS B 8 14.01 -2.16 2.39
C LYS B 8 13.39 -1.51 3.56
N ASP B 9 12.96 -0.32 3.59
CA ASP B 9 12.35 0.37 4.72
C ASP B 9 10.82 0.43 4.55
N ARG B 10 10.05 0.03 5.50
CA ARG B 10 8.60 0.20 5.46
C ARG B 10 8.39 1.69 5.72
N PRO B 11 7.43 2.37 5.04
CA PRO B 11 7.18 3.80 5.31
C PRO B 11 6.45 3.94 6.66
N LEU B 12 7.14 3.96 7.81
CA LEU B 12 6.51 3.99 9.09
C LEU B 12 6.47 5.36 9.72
N VAL B 13 5.37 5.63 10.46
CA VAL B 13 5.36 6.96 11.12
C VAL B 13 4.84 6.73 12.55
N ARG B 14 5.03 7.70 13.39
CA ARG B 14 4.48 7.58 14.78
C ARG B 14 3.11 8.29 14.61
N VAL B 15 2.18 7.87 15.44
CA VAL B 15 0.82 8.41 15.50
C VAL B 15 0.32 8.51 16.92
N ILE B 16 -0.40 9.58 17.20
CA ILE B 16 -1.10 9.83 18.46
C ILE B 16 -2.59 9.50 18.15
N LEU B 17 -3.19 8.61 18.89
CA LEU B 17 -4.64 8.30 18.67
C LEU B 17 -5.37 8.92 19.87
N THR B 18 -6.42 9.68 19.78
CA THR B 18 -7.12 10.24 20.89
C THR B 18 -8.64 9.83 20.87
N ASN B 19 -9.19 9.20 21.88
CA ASN B 19 -10.63 8.86 21.94
C ASN B 19 -11.43 10.09 22.26
N THR B 20 -12.36 10.50 21.42
CA THR B 20 -13.11 11.73 21.80
C THR B 20 -14.56 11.41 22.34
N GLY B 21 -14.79 10.20 22.80
CA GLY B 21 -16.12 9.82 23.27
C GLY B 21 -16.39 10.37 24.66
N SER B 22 -17.62 9.99 25.06
CA SER B 22 -18.07 10.42 26.36
C SER B 22 -17.61 9.62 27.54
N HIS B 23 -17.59 8.33 27.43
CA HIS B 23 -17.27 7.45 28.53
C HIS B 23 -15.81 7.46 28.99
N PRO B 24 -15.62 7.24 30.30
CA PRO B 24 -14.21 7.18 30.80
C PRO B 24 -13.39 6.06 30.13
N VAL B 25 -12.11 6.17 29.93
CA VAL B 25 -11.15 5.19 29.38
C VAL B 25 -9.91 5.31 30.26
N LYS B 26 -9.08 4.32 30.46
CA LYS B 26 -7.89 4.36 31.29
C LYS B 26 -6.90 5.30 30.59
N GLN B 27 -6.88 5.26 29.26
CA GLN B 27 -5.89 6.23 28.63
C GLN B 27 -6.53 6.76 27.40
N ARG B 28 -6.78 8.02 27.39
CA ARG B 28 -7.52 8.71 26.31
C ARG B 28 -6.69 8.93 25.10
N SER B 29 -5.36 8.97 25.17
CA SER B 29 -4.55 9.15 23.97
C SER B 29 -3.37 8.18 24.11
N VAL B 30 -3.05 7.54 23.04
CA VAL B 30 -1.88 6.63 23.03
C VAL B 30 -1.05 6.96 21.82
N TYR B 31 0.25 6.58 21.88
CA TYR B 31 1.18 6.66 20.77
C TYR B 31 1.30 5.30 20.15
N ILE B 32 1.28 5.10 18.84
CA ILE B 32 1.49 3.81 18.18
C ILE B 32 2.42 4.01 16.99
N THR B 33 2.74 3.04 16.18
CA THR B 33 3.49 3.30 14.94
C THR B 33 2.63 2.64 13.87
N ALA B 34 2.63 3.15 12.64
CA ALA B 34 1.74 2.59 11.60
C ALA B 34 2.29 2.72 10.22
N LEU B 35 1.95 1.87 9.28
CA LEU B 35 2.46 1.96 7.89
C LEU B 35 1.58 2.81 6.97
N LEU B 36 2.16 3.67 6.16
CA LEU B 36 1.49 4.53 5.16
C LEU B 36 1.27 3.60 4.02
N ASP B 37 0.06 3.17 3.82
CA ASP B 37 -0.26 2.14 2.81
C ASP B 37 -1.31 2.58 1.79
N SER B 38 -0.78 3.03 0.67
CA SER B 38 -1.59 3.51 -0.49
C SER B 38 -2.43 2.38 -1.06
N GLY B 39 -2.17 1.16 -0.66
CA GLY B 39 -2.85 -0.08 -1.06
C GLY B 39 -4.10 -0.24 -0.17
N ALA B 40 -4.27 0.48 0.95
CA ALA B 40 -5.51 0.23 1.80
C ALA B 40 -6.50 1.34 1.65
N ASP B 41 -7.78 0.94 1.47
CA ASP B 41 -8.81 1.98 1.33
C ASP B 41 -9.06 2.60 2.68
N ILE B 42 -8.92 1.85 3.77
CA ILE B 42 -9.21 2.40 5.09
C ILE B 42 -8.10 2.08 6.10
N THR B 43 -8.08 2.89 7.15
CA THR B 43 -7.12 2.83 8.22
C THR B 43 -7.59 1.70 9.14
N ILE B 44 -6.63 0.89 9.49
CA ILE B 44 -6.86 -0.25 10.37
C ILE B 44 -5.88 -0.29 11.51
N ILE B 45 -6.32 -0.23 12.74
CA ILE B 45 -5.46 -0.32 13.90
C ILE B 45 -5.38 -1.78 14.29
N SER B 46 -4.14 -2.27 14.60
CA SER B 46 -4.11 -3.66 15.01
C SER B 46 -4.64 -3.81 16.44
N GLU B 47 -5.20 -5.02 16.62
CA GLU B 47 -5.73 -5.37 17.95
C GLU B 47 -4.76 -5.18 19.06
N GLU B 48 -3.45 -5.38 18.78
CA GLU B 48 -2.47 -5.17 19.85
C GLU B 48 -2.20 -3.71 20.05
N ASP B 49 -2.46 -2.81 19.12
CA ASP B 49 -2.23 -1.38 19.34
C ASP B 49 -3.53 -0.73 19.93
N TRP B 50 -4.68 -1.35 19.76
CA TRP B 50 -5.95 -0.72 20.23
C TRP B 50 -6.23 -0.82 21.71
N PRO B 51 -6.43 0.26 22.46
CA PRO B 51 -6.79 0.17 23.88
C PRO B 51 -7.98 -0.72 24.09
N THR B 52 -7.93 -1.68 24.98
CA THR B 52 -8.99 -2.65 25.32
C THR B 52 -10.30 -2.05 25.78
N ASP B 53 -10.30 -0.89 26.36
CA ASP B 53 -11.60 -0.34 26.72
C ASP B 53 -11.99 0.65 25.68
N TRP B 54 -11.53 0.73 24.45
CA TRP B 54 -12.04 1.68 23.45
C TRP B 54 -13.06 0.73 22.76
N PRO B 55 -14.38 1.01 22.81
CA PRO B 55 -15.32 0.06 22.17
C PRO B 55 -15.32 0.02 20.67
N VAL B 56 -15.65 -1.20 20.21
CA VAL B 56 -15.79 -1.45 18.73
C VAL B 56 -17.17 -2.03 18.50
N MET B 57 -17.67 -1.84 17.31
CA MET B 57 -18.98 -2.30 16.85
C MET B 57 -18.64 -3.40 15.86
N GLU B 58 -19.55 -4.22 15.42
CA GLU B 58 -19.29 -5.29 14.41
C GLU B 58 -20.06 -4.85 13.18
N GLY B 70 -10.54 -12.84 3.11
CA GLY B 70 -10.91 -11.44 3.47
C GLY B 70 -10.44 -11.05 4.88
N ILE B 71 -10.92 -9.88 5.33
CA ILE B 71 -10.48 -9.53 6.71
C ILE B 71 -11.66 -9.18 7.64
N PRO B 72 -11.65 -9.96 8.71
CA PRO B 72 -12.62 -9.88 9.80
C PRO B 72 -12.34 -8.61 10.63
N MET B 73 -13.12 -7.57 10.42
CA MET B 73 -12.87 -6.37 11.20
C MET B 73 -14.06 -5.70 11.87
N ARG B 74 -13.68 -4.98 12.91
CA ARG B 74 -14.66 -4.17 13.67
C ARG B 74 -14.33 -2.72 13.42
N LYS B 75 -15.19 -1.80 13.69
CA LYS B 75 -15.01 -0.40 13.52
C LYS B 75 -15.06 0.12 14.97
N SER B 76 -14.36 1.19 15.14
CA SER B 76 -14.32 1.88 16.44
C SER B 76 -15.72 2.44 16.69
N ARG B 77 -16.30 2.40 17.85
CA ARG B 77 -17.64 3.01 18.09
C ARG B 77 -17.47 4.49 18.31
N ASP B 78 -16.39 4.92 18.99
CA ASP B 78 -16.10 6.38 19.21
C ASP B 78 -15.19 6.93 18.04
N MET B 79 -15.43 8.23 17.92
CA MET B 79 -14.65 9.00 16.96
C MET B 79 -13.21 9.22 17.50
N ILE B 80 -12.26 8.90 16.65
CA ILE B 80 -10.85 9.02 17.01
C ILE B 80 -10.18 10.17 16.23
N GLU B 81 -9.37 10.93 16.95
CA GLU B 81 -8.58 11.99 16.39
C GLU B 81 -7.22 11.37 16.12
N LEU B 82 -6.60 11.38 14.98
CA LEU B 82 -5.34 10.74 14.63
C LEU B 82 -4.36 11.80 14.17
N GLY B 83 -3.30 11.81 14.89
CA GLY B 83 -2.23 12.80 14.55
C GLY B 83 -0.96 12.09 14.16
N VAL B 84 -0.49 12.36 12.95
CA VAL B 84 0.76 11.78 12.41
C VAL B 84 1.90 12.63 12.96
N ILE B 85 2.91 11.91 13.43
CA ILE B 85 4.12 12.61 14.01
C ILE B 85 5.27 12.23 13.08
N ASN B 86 5.97 13.22 12.63
CA ASN B 86 7.09 12.93 11.69
C ASN B 86 8.35 12.51 12.50
N ARG B 87 9.27 11.97 11.73
CA ARG B 87 10.56 11.51 12.18
C ARG B 87 11.17 12.61 12.99
N ASP B 88 11.10 13.83 12.67
CA ASP B 88 11.70 14.88 13.56
C ASP B 88 10.79 15.40 14.62
N GLY B 89 9.67 14.70 14.88
CA GLY B 89 8.81 15.18 15.97
C GLY B 89 7.80 16.21 15.56
N SER B 90 7.79 16.64 14.29
CA SER B 90 6.75 17.66 13.93
C SER B 90 5.42 16.88 13.71
N LEU B 91 4.32 17.53 14.05
CA LEU B 91 2.96 17.07 13.89
C LEU B 91 2.27 17.46 12.56
N GLU B 92 1.52 16.58 11.90
CA GLU B 92 0.80 16.86 10.67
C GLU B 92 -0.60 17.24 11.15
N ARG B 93 -1.46 17.72 10.31
CA ARG B 93 -2.79 18.11 10.74
C ARG B 93 -3.55 16.91 11.27
N PRO B 94 -4.19 16.99 12.41
CA PRO B 94 -5.01 15.89 12.96
C PRO B 94 -6.18 15.55 12.09
N LEU B 95 -6.63 14.32 12.01
CA LEU B 95 -7.76 13.97 11.23
C LEU B 95 -8.82 13.31 12.13
N LEU B 96 -10.09 13.20 11.83
CA LEU B 96 -11.04 12.47 12.66
C LEU B 96 -11.58 11.29 11.87
N LEU B 97 -11.71 10.16 12.45
CA LEU B 97 -12.33 9.04 11.71
C LEU B 97 -12.80 7.99 12.71
N PHE B 98 -13.41 6.97 12.17
CA PHE B 98 -13.83 5.78 12.89
C PHE B 98 -12.92 4.69 12.31
N PRO B 99 -11.70 4.35 12.83
CA PRO B 99 -10.92 3.30 12.20
C PRO B 99 -11.45 1.87 12.37
N ALA B 100 -10.98 0.94 11.54
CA ALA B 100 -11.28 -0.43 11.63
C ALA B 100 -10.25 -0.97 12.60
N VAL B 101 -10.54 -2.08 13.24
CA VAL B 101 -9.65 -2.73 14.20
C VAL B 101 -9.66 -4.18 13.72
N ALA B 102 -8.53 -4.79 13.55
CA ALA B 102 -8.48 -6.16 13.09
C ALA B 102 -7.15 -6.69 13.64
N MET B 103 -7.15 -8.01 13.49
CA MET B 103 -5.99 -8.81 13.92
C MET B 103 -5.02 -8.78 12.73
N VAL B 104 -4.20 -7.78 12.65
CA VAL B 104 -3.24 -7.58 11.57
C VAL B 104 -1.86 -7.43 12.22
N ARG B 105 -0.91 -7.54 11.30
CA ARG B 105 0.54 -7.47 11.55
C ARG B 105 0.87 -6.21 12.31
N GLY B 106 0.59 -5.04 11.83
CA GLY B 106 0.86 -3.75 12.49
C GLY B 106 -0.21 -2.80 12.03
N SER B 107 -0.42 -1.66 12.54
CA SER B 107 -1.47 -0.73 12.15
C SER B 107 -1.08 -0.21 10.76
N ILE B 108 -2.14 0.16 10.06
CA ILE B 108 -2.06 0.68 8.70
C ILE B 108 -2.81 1.97 8.54
N LEU B 109 -2.22 2.96 7.90
CA LEU B 109 -2.94 4.23 7.63
C LEU B 109 -3.35 4.06 6.15
N GLY B 110 -4.67 3.92 5.81
CA GLY B 110 -5.01 3.75 4.41
C GLY B 110 -5.22 5.12 3.79
N ARG B 111 -5.81 5.08 2.59
CA ARG B 111 -6.09 6.25 1.77
C ARG B 111 -7.03 7.29 2.37
N ASP B 112 -7.87 6.87 3.29
CA ASP B 112 -8.79 7.84 3.99
C ASP B 112 -7.79 8.75 4.71
N CYS B 113 -6.76 8.33 5.42
CA CYS B 113 -5.79 9.24 6.04
C CYS B 113 -4.80 9.83 4.98
N LEU B 114 -4.35 9.08 3.99
CA LEU B 114 -3.37 9.65 3.01
C LEU B 114 -4.00 10.86 2.29
N GLN B 115 -5.33 10.76 1.97
CA GLN B 115 -5.96 11.90 1.38
C GLN B 115 -6.15 13.00 2.43
N GLY B 116 -6.51 12.74 3.68
CA GLY B 116 -6.63 13.82 4.63
C GLY B 116 -5.31 14.55 4.74
N LEU B 117 -4.24 13.84 4.56
CA LEU B 117 -2.88 14.45 4.68
C LEU B 117 -2.47 15.16 3.36
N GLY B 118 -3.19 14.93 2.31
CA GLY B 118 -2.83 15.69 1.09
C GLY B 118 -1.64 15.03 0.40
N LEU B 119 -1.37 13.76 0.58
CA LEU B 119 -0.24 13.15 -0.08
C LEU B 119 -0.42 12.78 -1.52
N ARG B 120 0.71 12.72 -2.19
CA ARG B 120 0.74 12.20 -3.62
C ARG B 120 1.92 11.28 -3.85
N LEU B 121 2.04 10.34 -4.76
CA LEU B 121 3.15 9.52 -5.04
C LEU B 121 3.76 10.21 -6.26
N THR B 122 5.02 10.59 -6.22
CA THR B 122 5.48 11.35 -7.45
C THR B 122 6.99 11.20 -7.59
N ASN B 123 7.55 11.34 -8.79
CA ASN B 123 8.96 11.34 -9.15
C ASN B 123 9.25 12.71 -9.79
N LEU B 124 8.40 13.71 -9.61
CA LEU B 124 8.45 15.05 -10.14
C LEU B 124 8.69 16.03 -9.04
#